data_1EVO
#
_entry.id   1EVO
#
_cell.length_a   1.000
_cell.length_b   1.000
_cell.length_c   1.000
_cell.angle_alpha   90.00
_cell.angle_beta   90.00
_cell.angle_gamma   90.00
#
_symmetry.space_group_name_H-M   'P 1'
#
_entity_poly.entity_id   1
_entity_poly.type   'polydeoxyribonucleotide'
_entity_poly.pdbx_seq_one_letter_code
;(DT)(DG)(DG)(DG)(DC)(DG)(DG)(DT)
;
_entity_poly.pdbx_strand_id   O,P,Q,R
#
loop_
_chem_comp.id
_chem_comp.type
_chem_comp.name
_chem_comp.formula
DC DNA linking 2'-DEOXYCYTIDINE-5'-MONOPHOSPHATE 'C9 H14 N3 O7 P'
DG DNA linking 2'-DEOXYGUANOSINE-5'-MONOPHOSPHATE 'C10 H14 N5 O7 P'
DT DNA linking THYMIDINE-5'-MONOPHOSPHATE 'C10 H15 N2 O8 P'
#